data_8QCI
#
_entry.id   8QCI
#
_cell.length_a   43.716
_cell.length_b   54.321
_cell.length_c   129.106
_cell.angle_alpha   90.00
_cell.angle_beta   90.00
_cell.angle_gamma   90.00
#
_symmetry.space_group_name_H-M   'P 21 21 21'
#
loop_
_entity.id
_entity.type
_entity.pdbx_description
1 polymer 'IgGFc-binding protein'
2 polymer 'IgGFc-binding protein'
3 non-polymer 2-acetamido-2-deoxy-beta-D-glucopyranose
4 non-polymer GLYCEROL
5 non-polymer 'CALCIUM ION'
6 water water
#
loop_
_entity_poly.entity_id
_entity_poly.type
_entity_poly.pdbx_seq_one_letter_code
_entity_poly.pdbx_strand_id
1 'polypeptide(L)'
;PHYHSFDGRKFDFQGTCNYVLATTGCPGVSTQGLTPFTVTTKNQNRGNPAVSYVRVVTVAALGTNISIHKDEIGKVRVNG
VLTALPVSVADGRISVAQGASKALLVADFGLQVSYDWNWRVDVTLPSSYHGAVCGLCGNMDRNPNNDQVFPNGTLAPSIP
IWGGSWRAPGWDPLCWDECRGSCPTCPEDRLEQYEGPGFCGPLASGTGGPFTTCHAHVPPESFFKGCVLDVCMGGGDHDI
LCKTLASYVAACQAAGVVIEDWRAQVGCEHHHHHH
;
B
2 'polypeptide(L)' APATCWLWGD A
#
# COMPACT_ATOMS: atom_id res chain seq x y z
N PRO A 1 -5.16 -4.88 -9.62
CA PRO A 1 -4.62 -5.02 -10.97
C PRO A 1 -4.73 -6.42 -11.53
N HIS A 2 -4.43 -6.55 -12.83
CA HIS A 2 -4.07 -7.84 -13.42
C HIS A 2 -2.58 -8.09 -13.21
N TYR A 3 -2.26 -9.24 -12.66
CA TYR A 3 -0.90 -9.63 -12.33
C TYR A 3 -0.49 -10.81 -13.18
N HIS A 4 0.82 -10.95 -13.33
CA HIS A 4 1.46 -12.06 -14.03
C HIS A 4 2.71 -12.38 -13.22
N SER A 5 2.70 -13.51 -12.52
CA SER A 5 3.78 -13.82 -11.59
C SER A 5 5.07 -14.15 -12.35
N PHE A 6 6.18 -14.21 -11.61
CA PHE A 6 7.45 -14.60 -12.24
C PHE A 6 7.29 -15.90 -13.01
N ASP A 7 6.63 -16.89 -12.41
CA ASP A 7 6.40 -18.20 -12.99
C ASP A 7 5.22 -18.24 -13.95
N GLY A 8 4.63 -17.10 -14.28
CA GLY A 8 3.62 -17.07 -15.32
C GLY A 8 2.19 -17.32 -14.88
N ARG A 9 1.89 -17.25 -13.59
CA ARG A 9 0.51 -17.36 -13.15
C ARG A 9 -0.21 -16.02 -13.34
N LYS A 10 -1.30 -16.04 -14.09
CA LYS A 10 -2.11 -14.85 -14.26
C LYS A 10 -3.17 -14.86 -13.17
N PHE A 11 -3.31 -13.73 -12.46
CA PHE A 11 -4.37 -13.60 -11.47
C PHE A 11 -4.76 -12.13 -11.34
N ASP A 12 -5.98 -11.90 -10.82
CA ASP A 12 -6.50 -10.59 -10.45
C ASP A 12 -6.54 -10.44 -8.93
N PHE A 13 -6.30 -9.22 -8.47
CA PHE A 13 -6.29 -8.91 -7.04
C PHE A 13 -6.52 -7.42 -6.94
N GLN A 14 -7.51 -7.02 -6.15
CA GLN A 14 -7.96 -5.63 -6.12
C GLN A 14 -7.74 -4.99 -4.75
N GLY A 15 -6.86 -5.57 -3.94
CA GLY A 15 -6.52 -4.95 -2.67
C GLY A 15 -6.01 -3.53 -2.85
N THR A 16 -6.31 -2.69 -1.87
CA THR A 16 -5.96 -1.28 -1.91
C THR A 16 -4.91 -0.89 -0.86
N CYS A 17 -4.29 -1.87 -0.22
CA CYS A 17 -3.25 -1.62 0.76
C CYS A 17 -1.89 -1.47 0.05
N ASN A 18 -0.82 -1.44 0.83
CA ASN A 18 0.54 -1.43 0.30
C ASN A 18 1.12 -2.84 0.41
N TYR A 19 1.48 -3.45 -0.71
CA TYR A 19 1.79 -4.87 -0.75
C TYR A 19 3.26 -5.12 -1.11
N VAL A 20 3.79 -6.23 -0.60
CA VAL A 20 5.12 -6.72 -0.96
C VAL A 20 5.00 -7.43 -2.30
N LEU A 21 5.44 -6.77 -3.36
CA LEU A 21 5.36 -7.34 -4.70
C LEU A 21 6.44 -8.41 -4.91
N ALA A 22 7.67 -8.10 -4.52
CA ALA A 22 8.77 -9.05 -4.60
C ALA A 22 9.79 -8.67 -3.54
N THR A 23 10.32 -9.70 -2.88
CA THR A 23 11.28 -9.46 -1.83
C THR A 23 12.15 -10.69 -1.69
N THR A 24 13.34 -10.46 -1.14
CA THR A 24 14.17 -11.56 -0.65
C THR A 24 13.86 -11.92 0.79
N GLY A 25 13.11 -11.07 1.50
CA GLY A 25 12.73 -11.31 2.89
C GLY A 25 11.74 -12.45 3.07
N CYS A 26 12.22 -13.69 2.90
CA CYS A 26 11.38 -14.87 2.76
C CYS A 26 11.70 -15.86 3.87
N PRO A 27 10.82 -16.04 4.86
CA PRO A 27 11.12 -16.97 5.96
C PRO A 27 11.45 -18.35 5.43
N GLY A 28 12.53 -18.94 5.97
CA GLY A 28 12.92 -20.30 5.62
C GLY A 28 13.60 -20.48 4.28
N VAL A 29 14.26 -19.43 3.77
CA VAL A 29 14.96 -19.47 2.49
C VAL A 29 16.38 -18.96 2.70
N SER A 30 17.35 -19.64 2.07
CA SER A 30 18.75 -19.26 2.14
C SER A 30 19.09 -18.27 1.03
N THR A 31 20.04 -17.37 1.33
CA THR A 31 20.27 -16.23 0.45
C THR A 31 21.56 -16.29 -0.38
N GLN A 32 22.54 -17.10 0.03
CA GLN A 32 23.63 -17.54 -0.86
C GLN A 32 24.46 -16.39 -1.44
N GLY A 33 24.53 -15.25 -0.77
CA GLY A 33 25.23 -14.12 -1.32
C GLY A 33 24.41 -13.23 -2.25
N LEU A 34 23.13 -13.54 -2.44
CA LEU A 34 22.25 -12.66 -3.22
C LEU A 34 22.02 -11.33 -2.51
N THR A 35 22.06 -10.25 -3.26
CA THR A 35 21.74 -8.94 -2.71
C THR A 35 20.26 -8.88 -2.30
N PRO A 36 19.95 -8.43 -1.10
CA PRO A 36 18.54 -8.37 -0.70
C PRO A 36 17.88 -7.11 -1.25
N PHE A 37 16.57 -7.21 -1.48
CA PHE A 37 15.76 -6.10 -1.99
C PHE A 37 14.31 -6.30 -1.58
N THR A 38 13.54 -5.22 -1.63
CA THR A 38 12.08 -5.33 -1.54
C THR A 38 11.44 -4.32 -2.48
N VAL A 39 10.54 -4.80 -3.33
CA VAL A 39 9.66 -3.96 -4.15
C VAL A 39 8.25 -4.00 -3.54
N THR A 40 7.74 -2.83 -3.17
CA THR A 40 6.35 -2.72 -2.72
C THR A 40 5.55 -1.86 -3.69
N THR A 41 4.23 -2.08 -3.69
CA THR A 41 3.27 -1.37 -4.53
C THR A 41 2.09 -0.98 -3.67
N LYS A 42 1.81 0.32 -3.59
CA LYS A 42 0.58 0.83 -2.97
C LYS A 42 -0.48 0.95 -4.04
N ASN A 43 -1.63 0.31 -3.83
CA ASN A 43 -2.74 0.33 -4.77
C ASN A 43 -3.79 1.37 -4.36
N GLN A 44 -4.70 1.64 -5.29
CA GLN A 44 -5.70 2.68 -5.12
C GLN A 44 -6.99 2.22 -5.78
N ASN A 45 -8.10 2.26 -5.05
CA ASN A 45 -9.32 1.77 -5.67
C ASN A 45 -10.02 2.88 -6.44
N ARG A 46 -11.00 2.45 -7.22
CA ARG A 46 -11.87 3.34 -7.98
C ARG A 46 -13.10 2.52 -8.34
N GLY A 47 -14.17 3.22 -8.69
CA GLY A 47 -15.39 2.59 -9.19
C GLY A 47 -16.05 1.56 -8.30
N ASN A 48 -17.27 1.16 -8.68
CA ASN A 48 -18.00 0.05 -8.06
C ASN A 48 -18.78 -0.67 -9.15
N PRO A 49 -18.41 -1.91 -9.49
CA PRO A 49 -17.49 -2.84 -8.79
C PRO A 49 -16.07 -2.29 -8.48
N ALA A 50 -15.61 -2.52 -7.25
CA ALA A 50 -14.32 -1.99 -6.81
C ALA A 50 -13.18 -2.73 -7.49
N VAL A 51 -12.33 -1.99 -8.19
CA VAL A 51 -11.07 -2.49 -8.70
C VAL A 51 -9.97 -1.60 -8.13
N SER A 52 -8.73 -2.03 -8.30
CA SER A 52 -7.63 -1.20 -7.84
C SER A 52 -6.51 -1.20 -8.88
N TYR A 53 -5.73 -0.12 -8.86
CA TYR A 53 -4.58 0.07 -9.71
C TYR A 53 -3.44 0.57 -8.83
N VAL A 54 -2.20 0.34 -9.31
CA VAL A 54 -1.02 0.74 -8.55
CA VAL A 54 -1.02 0.74 -8.53
C VAL A 54 -0.85 2.25 -8.64
N ARG A 55 -0.51 2.87 -7.52
CA ARG A 55 -0.30 4.31 -7.45
C ARG A 55 1.09 4.69 -6.97
N VAL A 56 1.80 3.79 -6.28
CA VAL A 56 3.18 4.02 -5.82
C VAL A 56 3.94 2.71 -5.93
N VAL A 57 5.14 2.75 -6.52
CA VAL A 57 6.08 1.63 -6.49
C VAL A 57 7.30 2.06 -5.70
N THR A 58 7.76 1.21 -4.78
CA THR A 58 8.88 1.53 -3.93
C THR A 58 9.90 0.41 -4.01
N VAL A 59 11.16 0.79 -4.23
CA VAL A 59 12.27 -0.16 -4.35
C VAL A 59 13.25 0.13 -3.23
N ALA A 60 13.46 -0.85 -2.36
CA ALA A 60 14.34 -0.73 -1.21
C ALA A 60 15.51 -1.69 -1.41
N ALA A 61 16.69 -1.14 -1.63
CA ALA A 61 17.88 -1.94 -1.90
C ALA A 61 19.09 -1.10 -1.57
N LEU A 62 20.13 -1.75 -1.04
CA LEU A 62 21.40 -1.08 -0.79
C LEU A 62 21.23 0.15 0.09
N GLY A 63 20.38 0.04 1.11
CA GLY A 63 20.19 1.13 2.04
C GLY A 63 19.59 2.38 1.44
N THR A 64 18.85 2.24 0.34
CA THR A 64 18.23 3.35 -0.37
C THR A 64 16.76 3.02 -0.66
N ASN A 65 15.91 4.03 -0.57
CA ASN A 65 14.51 3.92 -0.97
C ASN A 65 14.27 4.77 -2.22
N ILE A 66 13.80 4.14 -3.29
CA ILE A 66 13.36 4.84 -4.48
C ILE A 66 11.89 4.53 -4.67
N SER A 67 11.04 5.55 -4.55
CA SER A 67 9.64 5.39 -4.86
C SER A 67 9.29 6.22 -6.09
N ILE A 68 8.29 5.71 -6.82
CA ILE A 68 7.84 6.29 -8.08
C ILE A 68 6.33 6.39 -8.00
N HIS A 69 5.81 7.62 -8.13
CA HIS A 69 4.41 7.90 -7.85
C HIS A 69 3.62 8.20 -9.12
N LYS A 70 2.35 7.78 -9.13
CA LYS A 70 1.50 7.98 -10.29
C LYS A 70 1.43 9.45 -10.67
N ASP A 71 1.47 9.73 -11.97
CA ASP A 71 1.35 11.05 -12.59
C ASP A 71 2.53 11.99 -12.34
N GLU A 72 3.56 11.57 -11.59
CA GLU A 72 4.74 12.41 -11.36
C GLU A 72 5.79 12.19 -12.44
N ILE A 73 5.41 12.49 -13.69
CA ILE A 73 6.24 12.13 -14.83
C ILE A 73 7.60 12.79 -14.76
N GLY A 74 8.65 12.00 -15.01
CA GLY A 74 10.03 12.44 -14.99
C GLY A 74 10.68 12.51 -13.63
N LYS A 75 9.98 12.09 -12.57
CA LYS A 75 10.46 12.28 -11.22
C LYS A 75 10.33 11.01 -10.41
N VAL A 76 11.28 10.80 -9.50
CA VAL A 76 11.22 9.77 -8.48
C VAL A 76 11.47 10.44 -7.14
N ARG A 77 11.36 9.67 -6.06
CA ARG A 77 11.78 10.12 -4.74
C ARG A 77 12.93 9.24 -4.27
N VAL A 78 14.08 9.84 -4.00
CA VAL A 78 15.19 9.14 -3.38
C VAL A 78 15.14 9.45 -1.89
N ASN A 79 14.78 8.45 -1.11
CA ASN A 79 14.66 8.60 0.34
C ASN A 79 13.69 9.72 0.67
N GLY A 80 12.54 9.70 -0.01
CA GLY A 80 11.49 10.70 0.16
C GLY A 80 11.71 12.03 -0.53
N VAL A 81 12.88 12.27 -1.12
CA VAL A 81 13.21 13.57 -1.72
C VAL A 81 12.96 13.51 -3.23
N LEU A 82 12.03 14.34 -3.70
CA LEU A 82 11.71 14.44 -5.12
C LEU A 82 12.96 14.77 -5.94
N THR A 83 13.14 14.05 -7.05
CA THR A 83 14.40 14.07 -7.77
C THR A 83 14.12 13.95 -9.26
N ALA A 84 14.81 14.79 -10.04
CA ALA A 84 14.74 14.65 -11.49
C ALA A 84 15.48 13.39 -11.96
N LEU A 85 15.19 13.00 -13.17
CA LEU A 85 15.84 11.90 -13.85
C LEU A 85 16.70 12.40 -15.01
N PRO A 86 17.83 11.75 -15.30
CA PRO A 86 18.30 10.49 -14.70
C PRO A 86 18.97 10.72 -13.37
N VAL A 87 19.15 9.65 -12.60
CA VAL A 87 19.80 9.76 -11.30
C VAL A 87 20.53 8.46 -11.03
N SER A 88 21.66 8.61 -10.34
CA SER A 88 22.46 7.49 -9.87
C SER A 88 22.48 7.55 -8.34
N VAL A 89 22.18 6.43 -7.70
CA VAL A 89 22.09 6.37 -6.25
C VAL A 89 22.90 5.18 -5.74
N ALA A 90 22.97 5.06 -4.42
CA ALA A 90 23.61 3.91 -3.77
C ALA A 90 25.03 3.71 -4.28
N ASP A 91 25.81 4.79 -4.31
CA ASP A 91 27.21 4.73 -4.71
C ASP A 91 27.36 4.31 -6.18
N GLY A 92 26.47 4.82 -7.04
CA GLY A 92 26.52 4.45 -8.44
C GLY A 92 26.19 3.00 -8.72
N ARG A 93 25.58 2.30 -7.76
CA ARG A 93 25.20 0.91 -7.97
CA ARG A 93 25.19 0.90 -7.96
C ARG A 93 23.74 0.75 -8.39
N ILE A 94 22.95 1.82 -8.36
CA ILE A 94 21.57 1.85 -8.84
C ILE A 94 21.36 3.13 -9.63
N SER A 95 20.66 2.98 -10.74
CA SER A 95 20.42 4.03 -11.72
C SER A 95 18.95 4.04 -12.11
N VAL A 96 18.39 5.23 -12.31
CA VAL A 96 17.04 5.38 -12.81
C VAL A 96 17.08 6.40 -13.93
N ALA A 97 16.52 6.04 -15.08
CA ALA A 97 16.47 6.94 -16.23
C ALA A 97 15.08 6.86 -16.82
N GLN A 98 14.73 7.90 -17.57
CA GLN A 98 13.48 7.94 -18.31
C GLN A 98 13.68 7.37 -19.70
N GLY A 99 12.87 6.39 -20.06
CA GLY A 99 12.90 5.87 -21.41
C GLY A 99 11.54 5.42 -21.91
N ALA A 100 11.18 5.80 -23.13
CA ALA A 100 9.92 5.38 -23.73
C ALA A 100 8.75 5.63 -22.79
N SER A 101 8.77 6.79 -22.13
CA SER A 101 7.68 7.25 -21.27
C SER A 101 7.53 6.42 -19.99
N LYS A 102 8.59 5.77 -19.53
CA LYS A 102 8.54 5.11 -18.22
C LYS A 102 9.83 5.35 -17.44
N ALA A 103 9.71 5.24 -16.11
CA ALA A 103 10.86 5.21 -15.23
C ALA A 103 11.45 3.80 -15.22
N LEU A 104 12.76 3.70 -15.48
CA LEU A 104 13.44 2.40 -15.54
CA LEU A 104 13.46 2.41 -15.56
C LEU A 104 14.55 2.38 -14.50
N LEU A 105 14.32 1.62 -13.44
CA LEU A 105 15.33 1.42 -12.41
C LEU A 105 16.11 0.14 -12.73
N VAL A 106 17.44 0.23 -12.70
CA VAL A 106 18.33 -0.91 -12.86
C VAL A 106 19.40 -0.86 -11.77
N ALA A 107 19.81 -2.03 -11.30
CA ALA A 107 20.78 -2.10 -10.22
C ALA A 107 21.92 -3.01 -10.62
N ASP A 108 23.09 -2.80 -10.01
CA ASP A 108 24.25 -3.56 -10.45
C ASP A 108 24.03 -5.06 -10.27
N PHE A 109 23.36 -5.44 -9.18
CA PHE A 109 23.13 -6.87 -8.93
C PHE A 109 22.03 -7.47 -9.79
N GLY A 110 21.35 -6.67 -10.64
CA GLY A 110 20.48 -7.22 -11.67
C GLY A 110 19.00 -6.93 -11.53
N LEU A 111 18.54 -6.42 -10.38
CA LEU A 111 17.13 -6.01 -10.25
C LEU A 111 16.78 -4.95 -11.28
N GLN A 112 15.70 -5.20 -12.03
CA GLN A 112 15.10 -4.25 -12.95
C GLN A 112 13.66 -3.98 -12.52
N VAL A 113 13.32 -2.70 -12.35
CA VAL A 113 11.97 -2.31 -12.01
C VAL A 113 11.59 -1.14 -12.91
N SER A 114 10.43 -1.23 -13.56
CA SER A 114 9.92 -0.09 -14.31
C SER A 114 8.47 0.19 -13.93
N TYR A 115 8.12 1.48 -14.02
CA TYR A 115 6.78 2.00 -13.78
C TYR A 115 6.57 3.17 -14.72
N ASP A 116 5.39 3.25 -15.35
CA ASP A 116 5.18 4.29 -16.35
C ASP A 116 4.46 5.49 -15.79
N TRP A 117 4.51 5.66 -14.47
CA TRP A 117 3.80 6.75 -13.80
C TRP A 117 2.30 6.67 -14.06
N ASN A 118 1.81 5.54 -14.56
CA ASN A 118 0.37 5.37 -14.70
C ASN A 118 -0.08 4.14 -13.94
N TRP A 119 -0.13 2.96 -14.59
CA TRP A 119 -0.41 1.77 -13.79
C TRP A 119 0.26 0.49 -14.31
N ARG A 120 1.28 0.58 -15.15
CA ARG A 120 2.02 -0.61 -15.55
C ARG A 120 3.33 -0.68 -14.78
N VAL A 121 3.55 -1.82 -14.13
CA VAL A 121 4.75 -2.11 -13.35
C VAL A 121 5.31 -3.43 -13.85
N ASP A 122 6.63 -3.48 -14.03
CA ASP A 122 7.37 -4.69 -14.42
CA ASP A 122 7.30 -4.74 -14.31
C ASP A 122 8.55 -4.85 -13.46
N VAL A 123 8.81 -6.08 -13.02
CA VAL A 123 9.95 -6.44 -12.18
C VAL A 123 10.66 -7.59 -12.84
N THR A 124 11.96 -7.43 -13.08
CA THR A 124 12.76 -8.43 -13.78
C THR A 124 13.96 -8.77 -12.90
N LEU A 125 14.19 -10.07 -12.73
CA LEU A 125 15.26 -10.55 -11.87
C LEU A 125 16.20 -11.42 -12.68
N PRO A 126 17.49 -11.39 -12.38
CA PRO A 126 18.43 -12.33 -12.98
C PRO A 126 18.12 -13.77 -12.56
N SER A 127 18.57 -14.71 -13.39
CA SER A 127 18.29 -16.13 -13.18
C SER A 127 18.73 -16.64 -11.80
N SER A 128 19.71 -15.98 -11.16
CA SER A 128 20.24 -16.44 -9.88
C SER A 128 19.22 -16.41 -8.76
N TYR A 129 18.13 -15.66 -8.91
CA TYR A 129 17.18 -15.53 -7.82
C TYR A 129 16.13 -16.63 -7.83
N HIS A 130 16.27 -17.62 -8.71
CA HIS A 130 15.31 -18.72 -8.79
C HIS A 130 15.02 -19.29 -7.41
N GLY A 131 13.74 -19.32 -7.04
CA GLY A 131 13.40 -19.88 -5.76
C GLY A 131 13.84 -19.06 -4.57
N ALA A 132 14.38 -17.86 -4.76
CA ALA A 132 14.94 -17.11 -3.65
C ALA A 132 14.13 -15.87 -3.28
N VAL A 133 12.96 -15.66 -3.88
CA VAL A 133 12.14 -14.48 -3.64
C VAL A 133 10.73 -14.94 -3.27
N CYS A 134 9.93 -13.97 -2.83
CA CYS A 134 8.54 -14.22 -2.44
C CYS A 134 7.76 -12.91 -2.45
N GLY A 135 6.42 -13.03 -2.29
CA GLY A 135 5.50 -11.93 -2.29
C GLY A 135 4.41 -12.19 -3.31
N LEU A 136 3.77 -11.12 -3.78
CA LEU A 136 2.66 -11.29 -4.71
C LEU A 136 3.12 -11.95 -5.99
N CYS A 137 4.41 -11.77 -6.35
CA CYS A 137 4.97 -12.33 -7.58
C CYS A 137 5.36 -13.80 -7.47
N GLY A 138 5.26 -14.42 -6.30
CA GLY A 138 5.68 -15.81 -6.18
C GLY A 138 7.19 -15.97 -5.99
N ASN A 139 7.66 -17.21 -6.19
CA ASN A 139 9.03 -17.55 -5.85
C ASN A 139 9.93 -17.81 -7.06
N MET A 140 9.45 -17.61 -8.28
CA MET A 140 10.27 -17.77 -9.48
C MET A 140 11.05 -19.10 -9.45
N ASP A 141 10.31 -20.21 -9.44
CA ASP A 141 10.91 -21.53 -9.50
C ASP A 141 10.39 -22.33 -10.68
N ARG A 142 9.94 -21.63 -11.72
CA ARG A 142 9.39 -22.21 -12.94
CA ARG A 142 9.38 -22.21 -12.93
C ARG A 142 8.09 -22.98 -12.68
N ASN A 143 7.57 -22.95 -11.46
CA ASN A 143 6.31 -23.62 -11.15
C ASN A 143 5.23 -22.59 -10.83
N PRO A 144 4.25 -22.37 -11.72
CA PRO A 144 3.26 -21.32 -11.49
C PRO A 144 2.24 -21.67 -10.43
N ASN A 145 2.23 -22.90 -9.93
CA ASN A 145 1.10 -23.42 -9.18
C ASN A 145 1.30 -23.35 -7.67
N ASN A 146 2.50 -23.01 -7.21
CA ASN A 146 2.76 -22.86 -5.79
C ASN A 146 3.04 -21.41 -5.40
N ASP A 147 2.47 -20.46 -6.14
CA ASP A 147 2.80 -19.05 -5.97
C ASP A 147 1.84 -18.30 -5.07
N GLN A 148 0.72 -18.92 -4.66
CA GLN A 148 -0.31 -18.30 -3.83
C GLN A 148 -0.17 -18.90 -2.45
N VAL A 149 0.80 -18.41 -1.72
CA VAL A 149 1.27 -19.03 -0.49
C VAL A 149 1.62 -17.94 0.52
N PHE A 150 1.28 -18.20 1.79
CA PHE A 150 1.62 -17.33 2.92
C PHE A 150 3.11 -17.09 3.00
N PRO A 151 3.56 -16.10 3.77
CA PRO A 151 5.01 -15.96 4.03
C PRO A 151 5.64 -17.18 4.68
N ASN A 152 4.88 -17.94 5.47
CA ASN A 152 5.43 -19.10 6.15
C ASN A 152 5.41 -20.35 5.28
N GLY A 153 4.96 -20.26 4.04
CA GLY A 153 5.15 -21.33 3.09
C GLY A 153 3.94 -22.20 2.82
N THR A 154 2.85 -22.04 3.58
CA THR A 154 1.69 -22.89 3.41
C THR A 154 0.64 -22.22 2.51
N LEU A 155 -0.13 -23.07 1.84
CA LEU A 155 -1.16 -22.61 0.89
C LEU A 155 -2.16 -21.69 1.58
N ALA A 156 -2.68 -20.69 0.80
CA ALA A 156 -3.62 -19.76 1.38
C ALA A 156 -5.05 -20.10 0.99
N PRO A 157 -6.03 -19.81 1.85
CA PRO A 157 -7.42 -20.17 1.51
C PRO A 157 -7.93 -19.41 0.29
N SER A 158 -7.82 -18.09 0.30
CA SER A 158 -8.35 -17.24 -0.76
C SER A 158 -7.29 -16.25 -1.23
N ILE A 159 -7.50 -15.75 -2.44
CA ILE A 159 -6.65 -14.68 -2.96
C ILE A 159 -6.63 -13.48 -2.03
N PRO A 160 -7.76 -12.93 -1.55
CA PRO A 160 -7.68 -11.76 -0.67
C PRO A 160 -7.00 -12.02 0.66
N ILE A 161 -7.12 -13.23 1.23
CA ILE A 161 -6.41 -13.50 2.48
C ILE A 161 -4.91 -13.67 2.20
N TRP A 162 -4.58 -14.29 1.07
CA TRP A 162 -3.18 -14.38 0.64
C TRP A 162 -2.57 -12.99 0.50
N GLY A 163 -3.25 -12.09 -0.22
CA GLY A 163 -2.74 -10.74 -0.39
C GLY A 163 -2.57 -10.01 0.93
N GLY A 164 -3.50 -10.27 1.87
CA GLY A 164 -3.40 -9.63 3.17
C GLY A 164 -2.17 -10.05 3.93
N SER A 165 -1.80 -11.33 3.85
CA SER A 165 -0.58 -11.79 4.50
C SER A 165 0.65 -11.06 3.98
N TRP A 166 0.57 -10.52 2.76
CA TRP A 166 1.69 -9.87 2.12
C TRP A 166 1.62 -8.35 2.17
N ARG A 167 0.76 -7.79 3.01
CA ARG A 167 0.79 -6.35 3.22
C ARG A 167 2.13 -5.94 3.79
N ALA A 168 2.62 -4.79 3.34
CA ALA A 168 3.84 -4.24 3.90
C ALA A 168 3.52 -3.52 5.21
N PRO A 169 4.50 -3.37 6.10
CA PRO A 169 4.23 -2.69 7.38
C PRO A 169 3.86 -1.22 7.18
N GLY A 170 2.91 -0.74 7.98
CA GLY A 170 2.52 0.65 7.96
C GLY A 170 1.03 0.87 8.11
N TRP A 171 0.61 1.78 8.99
CA TRP A 171 -0.80 2.00 9.25
C TRP A 171 -1.52 2.45 7.99
N ASP A 172 -2.67 1.84 7.72
CA ASP A 172 -3.41 2.07 6.47
C ASP A 172 -4.89 1.81 6.72
N PRO A 173 -5.55 2.68 7.48
CA PRO A 173 -6.83 2.31 8.11
C PRO A 173 -7.95 2.13 7.13
N LEU A 174 -7.81 2.69 5.93
CA LEU A 174 -8.90 2.76 4.98
C LEU A 174 -8.78 1.70 3.91
N CYS A 175 -7.68 0.95 3.90
CA CYS A 175 -7.42 -0.01 2.85
C CYS A 175 -8.08 -1.34 3.19
N TRP A 176 -8.17 -2.19 2.17
CA TRP A 176 -8.70 -3.54 2.28
C TRP A 176 -8.08 -4.38 1.19
N ASP A 177 -8.12 -5.70 1.39
CA ASP A 177 -7.67 -6.63 0.37
C ASP A 177 -8.79 -7.05 -0.56
N GLU A 178 -10.04 -6.92 -0.14
CA GLU A 178 -11.19 -7.24 -0.97
C GLU A 178 -12.40 -6.44 -0.48
N CYS A 179 -13.25 -6.07 -1.41
CA CYS A 179 -14.43 -5.26 -1.12
C CYS A 179 -15.65 -6.17 -1.25
N ARG A 180 -16.33 -6.42 -0.13
CA ARG A 180 -17.42 -7.39 -0.10
C ARG A 180 -18.75 -6.75 -0.51
N GLY A 181 -18.73 -6.18 -1.73
CA GLY A 181 -19.91 -5.61 -2.36
C GLY A 181 -20.17 -4.15 -2.05
N SER A 182 -20.40 -3.84 -0.77
CA SER A 182 -20.86 -2.52 -0.31
C SER A 182 -19.69 -1.80 0.36
N CYS A 183 -18.89 -1.08 -0.44
CA CYS A 183 -17.65 -0.49 0.06
C CYS A 183 -17.46 0.93 -0.43
N PRO A 184 -17.40 1.90 0.49
CA PRO A 184 -17.20 3.29 0.09
C PRO A 184 -15.83 3.51 -0.56
N THR A 185 -15.70 4.65 -1.22
CA THR A 185 -14.46 5.07 -1.85
C THR A 185 -14.22 6.54 -1.52
N CYS A 186 -12.99 6.99 -1.76
CA CYS A 186 -12.64 8.39 -1.51
C CYS A 186 -11.34 8.75 -2.20
N PRO A 187 -11.31 9.86 -2.93
CA PRO A 187 -10.09 10.25 -3.67
C PRO A 187 -8.94 10.57 -2.74
N GLU A 188 -7.75 10.10 -3.10
CA GLU A 188 -6.59 10.22 -2.22
C GLU A 188 -6.17 11.66 -1.97
N ASP A 189 -6.64 12.61 -2.78
CA ASP A 189 -6.28 14.01 -2.55
C ASP A 189 -7.04 14.61 -1.39
N ARG A 190 -8.29 14.18 -1.19
CA ARG A 190 -9.10 14.61 -0.07
C ARG A 190 -8.81 13.86 1.23
N LEU A 191 -7.83 12.94 1.26
CA LEU A 191 -7.65 12.09 2.43
C LEU A 191 -7.02 12.82 3.61
N GLU A 192 -5.95 13.57 3.36
CA GLU A 192 -5.27 14.20 4.48
C GLU A 192 -6.19 15.17 5.21
N GLN A 193 -6.99 15.93 4.45
CA GLN A 193 -7.90 16.88 5.08
C GLN A 193 -8.86 16.15 6.03
N TYR A 194 -9.57 15.16 5.51
CA TYR A 194 -10.59 14.48 6.27
C TYR A 194 -10.02 13.66 7.42
N GLU A 195 -8.74 13.28 7.35
CA GLU A 195 -8.14 12.55 8.45
C GLU A 195 -7.60 13.43 9.55
N GLY A 196 -7.44 14.73 9.28
CA GLY A 196 -6.81 15.63 10.22
C GLY A 196 -7.81 16.33 11.11
N PRO A 197 -7.32 17.32 11.86
CA PRO A 197 -8.22 18.04 12.77
C PRO A 197 -9.17 18.94 11.98
N GLY A 198 -10.24 19.34 12.65
CA GLY A 198 -11.37 19.90 11.96
C GLY A 198 -12.26 18.85 11.33
N PHE A 199 -11.73 17.63 11.11
CA PHE A 199 -12.56 16.54 10.61
C PHE A 199 -12.44 15.31 11.53
N CYS A 200 -11.95 14.17 11.01
CA CYS A 200 -11.94 12.92 11.77
C CYS A 200 -10.69 12.72 12.63
N GLY A 201 -9.78 13.69 12.65
CA GLY A 201 -8.62 13.67 13.51
C GLY A 201 -8.84 13.17 14.94
N PRO A 202 -9.88 13.72 15.67
CA PRO A 202 -10.13 13.26 17.04
C PRO A 202 -10.32 11.74 17.20
N LEU A 203 -10.64 11.01 16.13
CA LEU A 203 -10.80 9.57 16.22
C LEU A 203 -9.53 8.80 15.86
N ALA A 204 -8.40 9.48 15.72
CA ALA A 204 -7.12 8.85 15.48
C ALA A 204 -6.28 8.97 16.75
N SER A 205 -5.48 7.94 17.03
CA SER A 205 -5.03 7.66 18.39
C SER A 205 -4.03 8.68 18.95
N GLY A 206 -3.26 9.35 18.10
CA GLY A 206 -2.28 10.28 18.63
C GLY A 206 -2.71 11.74 18.68
N THR A 207 -3.72 12.10 17.88
CA THR A 207 -4.01 13.51 17.57
C THR A 207 -4.38 14.34 18.79
N GLY A 208 -4.52 13.74 19.97
CA GLY A 208 -4.62 14.47 21.22
C GLY A 208 -5.73 15.49 21.38
N GLY A 209 -6.98 15.15 21.04
CA GLY A 209 -8.10 16.05 21.22
C GLY A 209 -9.05 15.65 22.34
N PRO A 210 -10.35 15.92 22.17
CA PRO A 210 -11.31 15.68 23.27
C PRO A 210 -11.63 14.21 23.50
N PHE A 211 -11.21 13.28 22.63
CA PHE A 211 -11.61 11.89 22.77
C PHE A 211 -10.48 10.98 23.24
N THR A 212 -9.30 11.53 23.59
CA THR A 212 -8.17 10.65 23.88
C THR A 212 -8.43 9.75 25.08
N THR A 213 -9.18 10.25 26.07
CA THR A 213 -9.44 9.43 27.26
CA THR A 213 -9.46 9.43 27.26
C THR A 213 -10.19 8.14 26.92
N CYS A 214 -10.97 8.12 25.85
CA CYS A 214 -11.74 6.94 25.48
C CYS A 214 -10.97 6.00 24.58
N HIS A 215 -9.92 6.48 23.90
CA HIS A 215 -9.24 5.67 22.89
C HIS A 215 -8.81 4.32 23.45
N ALA A 216 -8.38 4.29 24.71
CA ALA A 216 -7.89 3.05 25.31
C ALA A 216 -9.02 2.13 25.76
N HIS A 217 -10.26 2.58 25.74
CA HIS A 217 -11.39 1.75 26.13
C HIS A 217 -12.22 1.29 24.95
N VAL A 218 -12.48 2.18 24.00
CA VAL A 218 -13.12 1.83 22.74
C VAL A 218 -12.14 2.12 21.61
N PRO A 219 -11.43 1.10 21.13
CA PRO A 219 -10.42 1.33 20.07
C PRO A 219 -11.03 2.08 18.91
N PRO A 220 -10.46 3.22 18.51
CA PRO A 220 -11.18 4.13 17.62
C PRO A 220 -11.15 3.81 16.13
N GLU A 221 -10.27 2.90 15.67
CA GLU A 221 -9.96 2.81 14.24
C GLU A 221 -11.22 2.62 13.40
N SER A 222 -12.06 1.65 13.75
CA SER A 222 -13.27 1.42 12.99
C SER A 222 -14.13 2.67 12.91
N PHE A 223 -14.12 3.50 13.96
CA PHE A 223 -14.88 4.75 13.90
C PHE A 223 -14.17 5.78 13.03
N PHE A 224 -12.84 5.83 13.13
CA PHE A 224 -12.04 6.70 12.27
C PHE A 224 -12.29 6.37 10.80
N LYS A 225 -12.09 5.09 10.43
CA LYS A 225 -12.32 4.65 9.05
C LYS A 225 -13.70 5.07 8.57
N GLY A 226 -14.73 4.80 9.38
CA GLY A 226 -16.07 5.20 9.03
C GLY A 226 -16.26 6.71 8.96
N CYS A 227 -15.56 7.45 9.81
CA CYS A 227 -15.65 8.90 9.73
C CYS A 227 -15.12 9.42 8.39
N VAL A 228 -13.89 9.02 8.04
CA VAL A 228 -13.27 9.58 6.83
C VAL A 228 -14.11 9.26 5.59
N LEU A 229 -14.58 8.02 5.47
CA LEU A 229 -15.37 7.64 4.30
C LEU A 229 -16.75 8.27 4.30
N ASP A 230 -17.46 8.25 5.44
CA ASP A 230 -18.75 8.92 5.52
C ASP A 230 -18.62 10.41 5.21
N VAL A 231 -17.53 11.03 5.70
CA VAL A 231 -17.32 12.46 5.45
C VAL A 231 -16.87 12.69 4.01
N CYS A 232 -15.85 11.95 3.57
CA CYS A 232 -15.39 12.09 2.18
C CYS A 232 -16.53 11.88 1.19
N MET A 233 -17.38 10.89 1.43
CA MET A 233 -18.50 10.65 0.53
C MET A 233 -19.47 11.81 0.56
N GLY A 234 -19.65 12.44 1.72
CA GLY A 234 -20.60 13.52 1.87
C GLY A 234 -20.01 14.87 1.53
N GLY A 235 -18.97 14.90 0.72
CA GLY A 235 -18.35 16.14 0.31
C GLY A 235 -17.82 16.98 1.46
N GLY A 236 -17.40 16.33 2.55
CA GLY A 236 -16.96 17.05 3.73
C GLY A 236 -18.06 17.62 4.58
N ASP A 237 -19.31 17.15 4.41
CA ASP A 237 -20.45 17.80 5.04
C ASP A 237 -20.33 17.71 6.57
N HIS A 238 -20.60 18.84 7.23
CA HIS A 238 -20.39 18.95 8.67
C HIS A 238 -21.30 18.01 9.45
N ASP A 239 -22.55 17.84 9.01
CA ASP A 239 -23.49 17.06 9.80
C ASP A 239 -23.18 15.56 9.74
N ILE A 240 -22.73 15.05 8.59
CA ILE A 240 -22.20 13.70 8.56
C ILE A 240 -21.05 13.56 9.56
N LEU A 241 -20.09 14.48 9.51
CA LEU A 241 -18.97 14.45 10.45
C LEU A 241 -19.46 14.40 11.90
N CYS A 242 -20.37 15.30 12.26
CA CYS A 242 -20.79 15.39 13.65
C CYS A 242 -21.53 14.13 14.08
N LYS A 243 -22.31 13.53 13.18
CA LYS A 243 -23.02 12.30 13.54
C LYS A 243 -22.03 11.17 13.81
N THR A 244 -21.05 11.01 12.92
CA THR A 244 -20.03 10.00 13.12
C THR A 244 -19.27 10.21 14.43
N LEU A 245 -18.97 11.48 14.78
CA LEU A 245 -18.28 11.73 16.04
C LEU A 245 -19.19 11.42 17.23
N ALA A 246 -20.46 11.81 17.15
CA ALA A 246 -21.39 11.51 18.23
C ALA A 246 -21.56 10.00 18.43
N SER A 247 -21.40 9.20 17.37
CA SER A 247 -21.55 7.75 17.57
C SER A 247 -20.37 7.18 18.34
N TYR A 248 -19.18 7.78 18.21
CA TYR A 248 -18.07 7.37 19.04
C TYR A 248 -18.30 7.74 20.49
N VAL A 249 -18.85 8.96 20.72
CA VAL A 249 -19.20 9.38 22.07
C VAL A 249 -20.22 8.43 22.69
N ALA A 250 -21.21 8.01 21.90
CA ALA A 250 -22.18 7.03 22.41
C ALA A 250 -21.49 5.73 22.81
N ALA A 251 -20.58 5.22 21.96
CA ALA A 251 -19.87 4.00 22.34
C ALA A 251 -19.02 4.23 23.58
N CYS A 252 -18.38 5.41 23.68
CA CYS A 252 -17.57 5.74 24.85
C CYS A 252 -18.41 5.75 26.13
N GLN A 253 -19.56 6.43 26.09
CA GLN A 253 -20.43 6.49 27.25
C GLN A 253 -20.83 5.09 27.72
N ALA A 254 -21.22 4.22 26.78
CA ALA A 254 -21.55 2.84 27.12
C ALA A 254 -20.37 2.13 27.78
N ALA A 255 -19.14 2.50 27.42
CA ALA A 255 -17.96 1.97 28.09
C ALA A 255 -17.65 2.70 29.39
N GLY A 256 -18.51 3.61 29.83
CA GLY A 256 -18.26 4.30 31.09
C GLY A 256 -17.30 5.46 31.00
N VAL A 257 -16.98 5.93 29.80
CA VAL A 257 -16.13 7.10 29.62
C VAL A 257 -17.03 8.26 29.23
N VAL A 258 -17.25 9.18 30.14
CA VAL A 258 -18.05 10.36 29.86
C VAL A 258 -17.21 11.36 29.09
N ILE A 259 -17.83 12.02 28.12
CA ILE A 259 -17.19 13.06 27.33
C ILE A 259 -18.18 14.21 27.30
N GLU A 260 -18.05 15.14 28.24
CA GLU A 260 -18.88 16.32 28.27
C GLU A 260 -18.25 17.45 27.47
N ASP A 261 -19.08 18.34 26.94
CA ASP A 261 -18.62 19.55 26.26
C ASP A 261 -17.78 19.23 25.02
N TRP A 262 -17.91 18.03 24.45
CA TRP A 262 -17.10 17.68 23.28
C TRP A 262 -17.47 18.53 22.07
N ARG A 263 -18.78 18.69 21.82
CA ARG A 263 -19.25 19.50 20.69
C ARG A 263 -18.56 20.85 20.60
N ALA A 264 -18.32 21.50 21.73
CA ALA A 264 -17.66 22.80 21.69
C ALA A 264 -16.19 22.68 21.28
N GLN A 265 -15.54 21.57 21.61
CA GLN A 265 -14.13 21.38 21.30
C GLN A 265 -13.89 20.87 19.88
N VAL A 266 -14.95 20.55 19.12
CA VAL A 266 -14.78 20.09 17.75
C VAL A 266 -15.71 20.89 16.84
N GLY A 267 -16.36 21.91 17.39
CA GLY A 267 -17.28 22.72 16.60
C GLY A 267 -18.48 21.97 16.08
N CYS A 268 -19.07 21.10 16.90
CA CYS A 268 -20.27 20.36 16.53
C CYS A 268 -21.46 20.78 17.37
N GLU A 269 -21.44 22.01 17.89
CA GLU A 269 -22.51 22.57 18.68
C GLU A 269 -23.65 23.06 17.78
N ALA B 1 17.78 -18.16 -17.45
CA ALA B 1 17.27 -16.96 -18.08
C ALA B 1 16.50 -16.06 -17.11
N PRO B 2 16.57 -14.75 -17.31
CA PRO B 2 15.79 -13.83 -16.48
C PRO B 2 14.29 -14.01 -16.67
N ALA B 3 13.53 -13.72 -15.60
CA ALA B 3 12.07 -13.83 -15.62
C ALA B 3 11.46 -12.52 -15.12
N THR B 4 10.20 -12.28 -15.51
CA THR B 4 9.53 -11.00 -15.30
C THR B 4 8.17 -11.17 -14.65
N CYS B 5 7.95 -10.44 -13.56
CA CYS B 5 6.64 -10.26 -12.94
C CYS B 5 6.13 -8.87 -13.30
N TRP B 6 4.90 -8.80 -13.83
CA TRP B 6 4.31 -7.51 -14.18
C TRP B 6 2.85 -7.45 -13.77
N LEU B 7 2.30 -6.25 -13.89
CA LEU B 7 0.93 -5.96 -13.55
C LEU B 7 0.50 -4.68 -14.25
N TRP B 8 -0.81 -4.54 -14.44
CA TRP B 8 -1.41 -3.33 -15.00
C TRP B 8 -2.90 -3.32 -14.65
N GLY B 9 -3.53 -2.14 -14.79
CA GLY B 9 -4.92 -2.00 -14.42
C GLY B 9 -5.10 -1.94 -12.91
N ASP B 10 -6.35 -1.95 -12.45
CA ASP B 10 -7.57 -2.05 -13.22
C ASP B 10 -8.39 -0.78 -13.11
#